data_2R2J
#
_entry.id   2R2J
#
_cell.length_a   83.501
_cell.length_b   83.501
_cell.length_c   123.137
_cell.angle_alpha   90.00
_cell.angle_beta   90.00
_cell.angle_gamma   120.00
#
_symmetry.space_group_name_H-M   'P 31 2 1'
#
loop_
_entity.id
_entity.type
_entity.pdbx_description
1 polymer 'Thioredoxin domain-containing protein 4'
2 non-polymer 'SUCCINIC ACID'
3 non-polymer 'FORMIC ACID'
4 water water
#
_entity_poly.entity_id   1
_entity_poly.type   'polypeptide(L)'
_entity_poly.pdbx_seq_one_letter_code
;GPLGSEITSLDTENIDEILNNADVALVNFYADWCRFSQ(MSE)LHPIFEEASDVIKEEFPNENQVVFARVDCDQHSDIAQ
RYRISKYPTLKLFRNG(MSE)(MSE)(MSE)KREYRGQRSVKALADYIRQQKSDPIQEIRDLAEITTLDRSKRNIIGYFE
QKDSDNYRVFERVANILHDDCAFLSAFGDVSKPERYSGDNIIYKPPGHSAPD(MSE)VYLGA(MSE)TNFDVTYNWIQDK
CVPLVREITFENGEELTEEGLPFLILFH(MSE)KEDTESLEIFQNEVARQLISEKGTINFLHADCDKFRHPLLHIQKTPA
DCPVIAIDSFRH(MSE)YVFGDFKDVLIPGKLKQFVFDLHSGKLHREFHHGPDPTDTAPGEQAQDVASSPPESSFQKLAP
SEYRYTLLRDRDEL
;
_entity_poly.pdbx_strand_id   A
#
loop_
_chem_comp.id
_chem_comp.type
_chem_comp.name
_chem_comp.formula
FMT non-polymer 'FORMIC ACID' 'C H2 O2'
SIN non-polymer 'SUCCINIC ACID' 'C4 H6 O4'
#
# COMPACT_ATOMS: atom_id res chain seq x y z
N THR A 8 -11.43 4.70 -25.02
CA THR A 8 -10.87 3.18 -25.13
C THR A 8 -11.54 2.21 -24.14
N SER A 9 -12.57 1.52 -24.61
CA SER A 9 -13.29 0.59 -23.76
C SER A 9 -12.67 -0.78 -23.85
N LEU A 10 -12.08 -1.22 -22.76
CA LEU A 10 -11.55 -2.57 -22.70
C LEU A 10 -12.66 -3.61 -22.75
N ASP A 11 -12.30 -4.76 -23.31
CA ASP A 11 -13.10 -5.97 -23.25
C ASP A 11 -12.15 -7.17 -23.26
N THR A 12 -12.74 -8.35 -23.06
CA THR A 12 -12.08 -9.63 -23.12
C THR A 12 -11.13 -9.74 -24.30
N GLU A 13 -11.55 -9.21 -25.45
CA GLU A 13 -10.81 -9.41 -26.70
C GLU A 13 -9.58 -8.50 -26.78
N ASN A 14 -9.67 -7.31 -26.20
CA ASN A 14 -8.64 -6.33 -26.45
C ASN A 14 -7.82 -5.90 -25.24
N ILE A 15 -8.30 -6.26 -24.05
CA ILE A 15 -7.63 -5.89 -22.81
C ILE A 15 -6.12 -6.29 -22.82
N ASP A 16 -5.82 -7.58 -22.86
CA ASP A 16 -4.43 -8.05 -22.77
C ASP A 16 -3.44 -7.32 -23.68
N GLU A 17 -3.80 -7.03 -24.93
CA GLU A 17 -2.92 -6.22 -25.79
C GLU A 17 -2.65 -4.84 -25.17
N ILE A 18 -3.70 -4.03 -25.06
CA ILE A 18 -3.54 -2.64 -24.67
C ILE A 18 -2.68 -2.48 -23.40
N LEU A 19 -3.02 -3.22 -22.34
CA LEU A 19 -2.35 -3.11 -21.04
C LEU A 19 -0.92 -3.66 -21.01
N ASN A 20 -0.65 -4.82 -21.61
CA ASN A 20 0.68 -5.47 -21.53
C ASN A 20 1.81 -4.67 -22.15
N ASN A 21 1.41 -3.70 -22.97
CA ASN A 21 2.35 -2.92 -23.75
C ASN A 21 2.42 -1.46 -23.31
N ALA A 22 1.34 -1.00 -22.67
CA ALA A 22 1.28 0.35 -22.10
C ALA A 22 2.32 0.53 -21.00
N ASP A 23 3.21 1.52 -21.20
CA ASP A 23 4.17 1.89 -20.18
C ASP A 23 3.40 2.22 -18.90
N VAL A 24 2.39 3.07 -19.04
CA VAL A 24 1.49 3.34 -17.93
C VAL A 24 0.04 3.44 -18.42
N ALA A 25 -0.84 2.69 -17.75
CA ALA A 25 -2.28 2.72 -18.08
C ALA A 25 -3.11 3.11 -16.87
N LEU A 26 -3.96 4.13 -17.02
CA LEU A 26 -4.94 4.46 -15.96
C LEU A 26 -6.23 3.84 -16.43
N VAL A 27 -6.84 3.04 -15.57
CA VAL A 27 -8.05 2.31 -15.92
C VAL A 27 -9.17 2.60 -14.95
N ASN A 28 -10.26 3.07 -15.53
CA ASN A 28 -11.46 3.37 -14.79
C ASN A 28 -12.40 2.19 -14.80
N PHE A 29 -12.47 1.47 -13.70
CA PHE A 29 -13.45 0.40 -13.65
C PHE A 29 -14.69 1.03 -13.09
N TYR A 30 -15.75 1.01 -13.88
CA TYR A 30 -16.94 1.73 -13.50
C TYR A 30 -18.18 0.87 -13.66
N ALA A 31 -19.30 1.42 -13.22
CA ALA A 31 -20.61 0.92 -13.65
C ALA A 31 -21.53 2.08 -14.01
N ASP A 32 -22.39 1.84 -15.00
CA ASP A 32 -23.39 2.79 -15.45
C ASP A 32 -24.28 3.35 -14.34
N TRP A 33 -24.76 2.47 -13.45
CA TRP A 33 -25.76 2.80 -12.42
C TRP A 33 -25.11 3.45 -11.18
N CYS A 34 -23.82 3.69 -11.28
CA CYS A 34 -23.10 4.25 -10.16
C CYS A 34 -23.06 5.77 -10.25
N ARG A 35 -23.65 6.41 -9.25
CA ARG A 35 -23.66 7.87 -9.13
C ARG A 35 -22.24 8.48 -9.22
N PHE A 36 -21.28 7.88 -8.53
CA PHE A 36 -19.92 8.43 -8.52
C PHE A 36 -19.22 8.22 -9.85
N SER A 37 -19.41 7.03 -10.42
CA SER A 37 -18.89 6.74 -11.73
C SER A 37 -19.38 7.80 -12.71
N GLN A 38 -20.69 8.00 -12.75
CA GLN A 38 -21.28 8.92 -13.72
C GLN A 38 -20.68 10.29 -13.52
N MSE A 39 -20.42 10.66 -12.27
CA MSE A 39 -19.72 11.91 -12.00
C MSE A 39 -18.32 11.97 -12.60
O MSE A 39 -17.90 13.01 -13.08
CB MSE A 39 -19.63 12.15 -10.49
CG MSE A 39 -20.80 12.86 -9.94
SE MSE A 39 -20.83 12.82 -7.92
CE MSE A 39 -22.16 14.28 -7.55
N LEU A 40 -17.60 10.86 -12.56
CA LEU A 40 -16.22 10.80 -13.00
C LEU A 40 -16.06 10.78 -14.51
N HIS A 41 -16.90 10.02 -15.23
CA HIS A 41 -16.81 9.93 -16.69
C HIS A 41 -16.29 11.17 -17.40
N PRO A 42 -16.86 12.36 -17.14
CA PRO A 42 -16.36 13.47 -17.93
C PRO A 42 -15.05 14.04 -17.41
N ILE A 43 -14.69 13.75 -16.16
CA ILE A 43 -13.40 14.18 -15.61
C ILE A 43 -12.25 13.35 -16.23
N PHE A 44 -12.38 12.03 -16.13
CA PHE A 44 -11.50 11.10 -16.83
C PHE A 44 -11.30 11.49 -18.30
N GLU A 45 -12.41 11.77 -18.98
CA GLU A 45 -12.40 12.19 -20.38
C GLU A 45 -11.51 13.41 -20.62
N GLU A 46 -11.63 14.41 -19.76
CA GLU A 46 -10.86 15.63 -19.97
C GLU A 46 -9.38 15.42 -19.68
N ALA A 47 -9.08 14.68 -18.61
CA ALA A 47 -7.68 14.44 -18.25
C ALA A 47 -6.92 13.65 -19.32
N SER A 48 -7.59 12.75 -20.04
CA SER A 48 -6.95 12.00 -21.10
C SER A 48 -6.57 12.98 -22.20
N ASP A 49 -7.51 13.84 -22.58
CA ASP A 49 -7.26 14.94 -23.54
C ASP A 49 -6.06 15.81 -23.15
N VAL A 50 -5.97 16.17 -21.87
CA VAL A 50 -4.86 16.97 -21.35
C VAL A 50 -3.53 16.18 -21.35
N ILE A 51 -3.59 14.88 -21.08
CA ILE A 51 -2.37 14.05 -21.05
C ILE A 51 -1.81 13.71 -22.45
N LYS A 52 -2.54 14.09 -23.49
CA LYS A 52 -1.92 14.12 -24.81
C LYS A 52 -1.05 15.38 -24.95
N GLU A 53 -0.11 15.48 -23.99
CA GLU A 53 1.08 16.36 -24.12
C GLU A 53 2.30 15.45 -24.22
N GLU A 54 2.01 14.16 -24.13
CA GLU A 54 2.91 13.06 -24.44
C GLU A 54 3.06 12.92 -25.97
N PHE A 55 2.30 12.01 -26.59
CA PHE A 55 2.40 11.78 -28.03
C PHE A 55 1.21 10.97 -28.58
N ASN A 59 1.63 5.06 -27.05
CA ASN A 59 1.69 3.91 -26.14
C ASN A 59 2.18 4.29 -24.72
N GLN A 60 2.97 5.36 -24.65
CA GLN A 60 3.53 5.89 -23.39
C GLN A 60 2.51 5.93 -22.22
N VAL A 61 1.37 6.61 -22.39
CA VAL A 61 0.30 6.70 -21.36
C VAL A 61 -1.11 6.62 -21.93
N VAL A 62 -1.81 5.53 -21.61
CA VAL A 62 -3.12 5.34 -22.15
C VAL A 62 -4.19 5.39 -21.04
N PHE A 63 -5.32 6.03 -21.38
CA PHE A 63 -6.48 6.07 -20.52
C PHE A 63 -7.48 5.06 -21.06
N ALA A 64 -8.06 4.24 -20.18
CA ALA A 64 -9.02 3.24 -20.61
C ALA A 64 -10.15 3.02 -19.60
N ARG A 65 -11.28 2.48 -20.06
CA ARG A 65 -12.34 2.16 -19.08
C ARG A 65 -12.86 0.73 -19.19
N VAL A 66 -13.40 0.22 -18.08
CA VAL A 66 -14.05 -1.10 -17.99
C VAL A 66 -15.44 -0.99 -17.40
N ASP A 67 -16.44 -1.41 -18.15
CA ASP A 67 -17.83 -1.50 -17.73
C ASP A 67 -17.96 -2.82 -16.98
N CYS A 68 -17.78 -2.74 -15.67
CA CYS A 68 -17.73 -3.90 -14.84
C CYS A 68 -18.99 -4.72 -14.91
N ASP A 69 -20.09 -4.14 -15.40
CA ASP A 69 -21.29 -4.92 -15.60
C ASP A 69 -21.25 -5.68 -16.93
N GLN A 70 -20.62 -5.12 -17.95
CA GLN A 70 -20.46 -5.85 -19.18
C GLN A 70 -19.38 -6.96 -19.04
N HIS A 71 -18.31 -6.69 -18.30
CA HIS A 71 -17.15 -7.59 -18.20
C HIS A 71 -16.82 -7.97 -16.76
N SER A 72 -17.81 -8.63 -16.15
CA SER A 72 -17.71 -9.27 -14.83
C SER A 72 -16.43 -10.14 -14.67
N ASP A 73 -16.07 -10.91 -15.70
CA ASP A 73 -14.81 -11.67 -15.69
C ASP A 73 -13.58 -10.76 -15.43
N ILE A 74 -13.53 -9.59 -16.09
CA ILE A 74 -12.41 -8.66 -15.95
C ILE A 74 -12.38 -8.03 -14.54
N ALA A 75 -13.54 -7.63 -14.06
CA ALA A 75 -13.61 -7.00 -12.74
C ALA A 75 -13.16 -7.95 -11.61
N GLN A 76 -13.61 -9.19 -11.70
CA GLN A 76 -13.31 -10.19 -10.68
CA GLN A 76 -13.31 -10.23 -10.73
C GLN A 76 -11.82 -10.42 -10.63
N ARG A 77 -11.16 -10.37 -11.79
CA ARG A 77 -9.72 -10.56 -11.81
C ARG A 77 -8.85 -9.34 -11.43
N TYR A 78 -9.39 -8.15 -11.44
CA TYR A 78 -8.60 -7.05 -10.86
C TYR A 78 -9.04 -6.65 -9.47
N ARG A 79 -9.83 -7.52 -8.83
CA ARG A 79 -10.26 -7.37 -7.46
C ARG A 79 -10.85 -5.97 -7.21
N ILE A 80 -11.80 -5.60 -8.07
CA ILE A 80 -12.52 -4.33 -8.00
C ILE A 80 -13.42 -4.46 -6.81
N SER A 81 -13.24 -3.58 -5.82
CA SER A 81 -13.99 -3.65 -4.56
C SER A 81 -15.06 -2.54 -4.48
N LYS A 82 -15.01 -1.63 -5.44
CA LYS A 82 -15.91 -0.50 -5.48
C LYS A 82 -15.86 0.21 -6.82
N TYR A 83 -16.88 1.02 -7.06
CA TYR A 83 -16.98 1.87 -8.24
C TYR A 83 -17.06 3.35 -7.85
N PRO A 84 -16.32 4.22 -8.55
CA PRO A 84 -15.34 3.88 -9.60
C PRO A 84 -13.97 3.57 -9.03
N THR A 85 -13.32 2.50 -9.49
CA THR A 85 -11.94 2.25 -9.14
C THR A 85 -11.01 2.71 -10.25
N LEU A 86 -9.99 3.46 -9.86
CA LEU A 86 -8.90 3.88 -10.73
C LEU A 86 -7.60 3.06 -10.51
N LYS A 87 -7.35 2.11 -11.41
CA LYS A 87 -6.15 1.26 -11.34
C LYS A 87 -5.02 1.82 -12.21
N LEU A 88 -3.80 1.79 -11.71
CA LEU A 88 -2.65 2.07 -12.52
C LEU A 88 -2.00 0.75 -12.91
N PHE A 89 -1.65 0.66 -14.19
CA PHE A 89 -0.90 -0.47 -14.72
C PHE A 89 0.42 0.04 -15.26
N ARG A 90 1.47 -0.74 -15.06
CA ARG A 90 2.76 -0.50 -15.70
C ARG A 90 3.19 -1.79 -16.40
N ASN A 91 3.41 -1.72 -17.72
CA ASN A 91 3.76 -2.91 -18.54
C ASN A 91 2.74 -4.05 -18.43
N GLY A 92 1.51 -3.71 -18.07
CA GLY A 92 0.43 -4.70 -17.94
C GLY A 92 0.37 -5.35 -16.58
N MSE A 93 1.28 -4.94 -15.69
CA MSE A 93 1.15 -5.28 -14.26
C MSE A 93 0.38 -4.20 -13.49
O MSE A 93 0.69 -3.01 -13.59
CB MSE A 93 2.53 -5.59 -13.63
CG MSE A 93 2.62 -5.36 -12.08
SE MSE A 93 4.46 -5.64 -11.31
CE MSE A 93 5.53 -4.66 -12.65
N MSE A 94 -0.64 -4.63 -12.76
CA MSE A 94 -1.40 -3.73 -11.89
C MSE A 94 -0.66 -3.23 -10.66
O MSE A 94 -0.15 -4.01 -9.86
CB MSE A 94 -2.67 -4.42 -11.40
CG MSE A 94 -3.71 -3.46 -10.92
SE MSE A 94 -5.24 -4.52 -10.28
CE MSE A 94 -4.30 -5.39 -8.73
N MSE A 95 -0.65 -1.92 -10.48
CA MSE A 95 -0.14 -1.35 -9.25
C MSE A 95 -1.09 -1.62 -8.08
O MSE A 95 -2.30 -1.57 -8.20
CB MSE A 95 0.13 0.12 -9.44
CG MSE A 95 1.02 0.35 -10.62
SE MSE A 95 2.82 -0.39 -10.23
CE MSE A 95 3.38 1.31 -9.37
N LYS A 96 -0.49 -1.93 -6.95
CA LYS A 96 -1.14 -2.17 -5.68
C LYS A 96 -1.77 -0.90 -5.17
N ARG A 97 -1.17 0.26 -5.46
CA ARG A 97 -1.74 1.52 -5.06
C ARG A 97 -2.69 2.04 -6.09
N GLU A 98 -3.81 2.54 -5.58
CA GLU A 98 -4.80 3.16 -6.43
C GLU A 98 -4.71 4.69 -6.36
N TYR A 99 -5.26 5.35 -7.37
CA TYR A 99 -5.40 6.78 -7.30
C TYR A 99 -6.55 7.02 -6.32
N ARG A 100 -6.21 7.52 -5.14
CA ARG A 100 -7.20 7.76 -4.08
C ARG A 100 -7.44 9.26 -3.82
N GLY A 101 -6.99 10.11 -4.72
CA GLY A 101 -7.04 11.53 -4.51
C GLY A 101 -8.30 12.25 -4.98
N GLN A 102 -8.16 13.56 -5.15
CA GLN A 102 -9.28 14.43 -5.50
C GLN A 102 -9.81 14.11 -6.89
N ARG A 103 -11.11 14.18 -7.04
CA ARG A 103 -11.73 13.73 -8.26
C ARG A 103 -11.89 14.91 -9.22
N SER A 104 -10.79 15.57 -9.58
CA SER A 104 -10.81 16.70 -10.51
C SER A 104 -9.84 16.46 -11.67
N VAL A 105 -10.07 17.11 -12.80
CA VAL A 105 -9.19 17.00 -13.98
C VAL A 105 -7.74 17.29 -13.64
N LYS A 106 -7.47 18.41 -12.95
CA LYS A 106 -6.10 18.75 -12.53
C LYS A 106 -5.47 17.69 -11.61
N ALA A 107 -6.11 17.35 -10.49
CA ALA A 107 -5.58 16.30 -9.60
C ALA A 107 -5.17 15.06 -10.39
N LEU A 108 -6.02 14.68 -11.33
CA LEU A 108 -5.77 13.52 -12.14
C LEU A 108 -4.56 13.64 -13.02
N ALA A 109 -4.51 14.74 -13.78
CA ALA A 109 -3.45 14.93 -14.75
C ALA A 109 -2.11 15.13 -14.05
N ASP A 110 -2.14 15.78 -12.88
CA ASP A 110 -0.97 15.93 -12.01
C ASP A 110 -0.50 14.56 -11.54
N TYR A 111 -1.44 13.74 -11.09
CA TYR A 111 -1.13 12.41 -10.63
C TYR A 111 -0.32 11.70 -11.70
N ILE A 112 -0.92 11.54 -12.87
CA ILE A 112 -0.24 10.88 -13.97
C ILE A 112 1.14 11.48 -14.28
N ARG A 113 1.23 12.80 -14.25
CA ARG A 113 2.51 13.49 -14.46
C ARG A 113 3.48 12.97 -13.43
N GLN A 114 3.02 12.87 -12.17
CA GLN A 114 3.84 12.40 -11.07
C GLN A 114 4.31 11.00 -11.37
N GLN A 115 3.35 10.17 -11.77
CA GLN A 115 3.64 8.77 -12.07
C GLN A 115 4.59 8.58 -13.26
N LYS A 116 4.53 9.47 -14.25
CA LYS A 116 5.43 9.41 -15.40
C LYS A 116 6.81 10.01 -15.16
N SER A 117 6.95 10.70 -14.03
CA SER A 117 8.12 11.51 -13.72
C SER A 117 9.37 10.73 -13.40
N ASP A 118 10.33 11.49 -12.86
CA ASP A 118 11.73 11.17 -12.59
C ASP A 118 12.05 9.70 -12.79
N PRO A 119 11.86 8.86 -11.75
CA PRO A 119 11.81 9.15 -10.32
C PRO A 119 13.23 9.16 -9.72
N ILE A 120 14.16 8.49 -10.41
CA ILE A 120 15.52 8.23 -9.96
C ILE A 120 16.43 9.41 -10.22
N GLN A 121 17.22 9.80 -9.22
CA GLN A 121 18.21 10.83 -9.46
C GLN A 121 19.57 10.24 -9.75
N GLU A 122 20.16 10.75 -10.82
CA GLU A 122 21.47 10.33 -11.25
C GLU A 122 22.52 11.09 -10.45
N ILE A 123 23.46 10.36 -9.85
CA ILE A 123 24.61 10.97 -9.20
C ILE A 123 25.73 11.09 -10.24
N LYS A 136 14.98 8.70 6.51
CA LYS A 136 14.96 8.29 5.07
C LYS A 136 15.77 6.99 4.74
N ARG A 137 15.27 6.22 3.78
CA ARG A 137 15.98 5.01 3.40
C ARG A 137 16.23 5.02 1.91
N ASN A 138 17.37 4.51 1.42
CA ASN A 138 17.97 4.81 0.10
C ASN A 138 18.41 3.55 -0.57
N ILE A 139 17.98 3.37 -1.81
CA ILE A 139 18.57 2.34 -2.63
C ILE A 139 19.39 3.03 -3.68
N ILE A 140 20.55 2.47 -4.01
CA ILE A 140 21.31 2.96 -5.12
C ILE A 140 21.80 1.86 -6.08
N GLY A 141 21.64 2.13 -7.38
CA GLY A 141 22.02 1.23 -8.47
C GLY A 141 23.24 1.67 -9.29
N TYR A 142 24.13 0.73 -9.59
CA TYR A 142 25.36 1.02 -10.32
C TYR A 142 25.29 0.38 -11.68
N PHE A 143 25.49 1.18 -12.72
CA PHE A 143 25.33 0.63 -14.07
C PHE A 143 26.37 1.03 -15.10
N GLU A 144 26.79 0.06 -15.91
CA GLU A 144 27.66 0.32 -17.06
C GLU A 144 26.94 1.33 -17.95
N GLN A 145 25.68 1.03 -18.24
CA GLN A 145 24.87 1.73 -19.23
C GLN A 145 23.40 1.78 -18.83
N LYS A 146 22.80 2.97 -18.89
CA LYS A 146 21.36 3.13 -18.78
C LYS A 146 20.68 2.34 -19.91
N ASP A 147 21.39 2.17 -21.03
CA ASP A 147 20.91 1.36 -22.14
C ASP A 147 21.29 -0.13 -21.96
N SER A 148 20.81 -0.73 -20.87
CA SER A 148 21.10 -2.14 -20.56
C SER A 148 19.94 -2.76 -19.81
N ASP A 149 19.82 -4.07 -19.87
CA ASP A 149 18.76 -4.79 -19.18
C ASP A 149 18.55 -4.48 -17.69
N ASN A 150 19.67 -4.31 -16.97
CA ASN A 150 19.63 -4.26 -15.52
C ASN A 150 18.91 -3.00 -15.07
N TYR A 151 19.30 -1.89 -15.71
CA TYR A 151 18.71 -0.58 -15.43
C TYR A 151 17.22 -0.57 -15.75
N ARG A 152 16.86 -1.05 -16.93
CA ARG A 152 15.45 -1.27 -17.26
C ARG A 152 14.68 -1.89 -16.07
N VAL A 153 15.23 -3.01 -15.57
CA VAL A 153 14.73 -3.68 -14.36
C VAL A 153 14.75 -2.72 -13.15
N PHE A 154 15.88 -2.09 -12.84
CA PHE A 154 15.87 -1.12 -11.73
C PHE A 154 14.79 -0.01 -11.89
N GLU A 155 14.75 0.61 -13.05
CA GLU A 155 13.82 1.66 -13.38
C GLU A 155 12.41 1.18 -13.06
N ARG A 156 12.09 0.00 -13.59
CA ARG A 156 10.76 -0.58 -13.34
C ARG A 156 10.44 -0.69 -11.86
N VAL A 157 11.43 -1.05 -11.03
CA VAL A 157 11.21 -1.18 -9.60
C VAL A 157 11.04 0.17 -8.97
N ALA A 158 12.01 1.03 -9.16
CA ALA A 158 11.88 2.35 -8.61
C ALA A 158 10.55 2.95 -9.03
N ASN A 159 10.02 2.52 -10.19
CA ASN A 159 8.79 3.12 -10.70
C ASN A 159 7.58 2.73 -9.89
N ILE A 160 7.66 1.52 -9.35
CA ILE A 160 6.67 0.98 -8.44
C ILE A 160 6.86 1.56 -7.03
N LEU A 161 8.09 1.53 -6.54
CA LEU A 161 8.37 1.77 -5.12
C LEU A 161 8.86 3.14 -4.70
N HIS A 162 8.73 4.13 -5.58
CA HIS A 162 9.30 5.46 -5.29
C HIS A 162 8.77 6.14 -4.03
N ASP A 163 7.64 5.64 -3.50
CA ASP A 163 6.99 6.24 -2.32
C ASP A 163 7.46 5.68 -1.00
N ASP A 164 8.18 4.57 -1.12
CA ASP A 164 8.61 3.84 0.06
C ASP A 164 10.09 4.01 0.22
N CYS A 165 10.73 4.31 -0.90
CA CYS A 165 12.15 4.48 -0.87
C CYS A 165 12.63 5.56 -1.84
N ALA A 166 13.86 5.99 -1.63
CA ALA A 166 14.57 6.89 -2.53
C ALA A 166 15.59 6.08 -3.31
N PHE A 167 15.49 6.21 -4.63
CA PHE A 167 16.31 5.47 -5.58
C PHE A 167 17.26 6.39 -6.32
N LEU A 168 18.52 5.94 -6.46
CA LEU A 168 19.59 6.67 -7.09
C LEU A 168 20.33 5.83 -8.11
N SER A 169 20.93 6.51 -9.09
CA SER A 169 21.68 5.89 -10.17
C SER A 169 23.03 6.55 -10.39
N ALA A 170 24.08 5.73 -10.39
CA ALA A 170 25.41 6.18 -10.77
C ALA A 170 25.83 5.44 -12.03
N PHE A 171 26.18 6.19 -13.08
CA PHE A 171 26.57 5.54 -14.33
C PHE A 171 28.08 5.61 -14.50
N GLY A 172 28.55 4.90 -15.54
CA GLY A 172 29.93 4.94 -15.97
C GLY A 172 30.89 4.58 -14.87
N ASP A 173 32.14 4.97 -15.07
CA ASP A 173 33.13 4.70 -14.06
C ASP A 173 32.98 5.66 -12.88
N VAL A 174 33.43 6.91 -13.11
CA VAL A 174 33.48 7.96 -12.08
C VAL A 174 32.67 7.69 -10.79
N ASP A 183 27.91 -4.46 -12.43
CA ASP A 183 26.71 -3.68 -12.00
C ASP A 183 26.15 -4.09 -10.60
N ASN A 184 25.50 -3.17 -9.88
CA ASN A 184 25.14 -3.45 -8.49
C ASN A 184 23.94 -2.72 -7.89
N ILE A 185 23.39 -3.27 -6.81
CA ILE A 185 22.33 -2.62 -6.06
C ILE A 185 22.64 -2.63 -4.57
N ILE A 186 22.67 -1.44 -3.98
CA ILE A 186 23.00 -1.35 -2.57
C ILE A 186 21.87 -0.68 -1.83
N TYR A 187 21.47 -1.29 -0.72
CA TYR A 187 20.47 -0.72 0.16
C TYR A 187 21.12 -0.04 1.33
N LYS A 188 21.03 1.30 1.37
CA LYS A 188 21.52 2.11 2.48
C LYS A 188 20.38 2.41 3.45
N PRO A 189 20.38 1.77 4.64
CA PRO A 189 19.29 1.86 5.62
C PRO A 189 19.21 3.23 6.37
N PRO A 190 18.26 3.42 7.32
CA PRO A 190 18.27 4.55 8.28
C PRO A 190 19.69 5.04 8.66
N GLY A 191 19.88 6.35 8.86
CA GLY A 191 21.23 6.93 9.02
C GLY A 191 22.38 6.15 9.68
N HIS A 192 23.56 6.77 9.71
CA HIS A 192 24.84 6.18 10.13
C HIS A 192 24.78 5.24 11.35
N SER A 193 25.76 4.33 11.43
CA SER A 193 25.85 3.27 12.44
C SER A 193 24.88 2.16 12.08
N ALA A 194 24.68 1.97 10.76
CA ALA A 194 23.88 0.87 10.21
C ALA A 194 24.38 0.44 8.80
N PRO A 195 24.90 -0.81 8.68
CA PRO A 195 25.72 -1.20 7.51
C PRO A 195 24.96 -1.40 6.19
N ASP A 196 25.60 -1.02 5.10
CA ASP A 196 25.07 -1.26 3.78
C ASP A 196 24.71 -2.73 3.55
N MSE A 197 23.73 -2.95 2.69
CA MSE A 197 23.29 -4.29 2.34
C MSE A 197 23.32 -4.38 0.83
O MSE A 197 22.75 -3.52 0.15
CB MSE A 197 21.89 -4.56 2.87
CG MSE A 197 21.77 -4.23 4.33
SE MSE A 197 20.23 -5.14 5.18
CE MSE A 197 21.30 -6.92 5.10
N VAL A 198 24.00 -5.41 0.34
CA VAL A 198 24.21 -5.65 -1.09
C VAL A 198 23.25 -6.67 -1.67
N TYR A 199 22.67 -6.33 -2.82
CA TYR A 199 21.84 -7.28 -3.57
C TYR A 199 22.67 -8.36 -4.23
N LEU A 200 22.31 -9.62 -3.97
CA LEU A 200 23.03 -10.79 -4.53
C LEU A 200 22.32 -11.51 -5.68
N GLY A 201 21.10 -11.10 -5.97
CA GLY A 201 20.27 -11.75 -6.98
C GLY A 201 20.59 -11.31 -8.39
N ALA A 202 19.89 -11.91 -9.34
CA ALA A 202 20.01 -11.60 -10.76
C ALA A 202 19.35 -10.26 -11.03
N MSE A 203 20.11 -9.32 -11.58
CA MSE A 203 19.58 -7.99 -11.86
C MSE A 203 18.73 -7.88 -13.14
O MSE A 203 18.09 -6.86 -13.38
CB MSE A 203 20.68 -6.94 -11.81
CG MSE A 203 21.18 -6.70 -10.39
SE MSE A 203 22.66 -5.41 -10.25
CE MSE A 203 23.23 -5.94 -8.42
N THR A 204 18.71 -8.93 -13.95
CA THR A 204 17.88 -8.96 -15.13
C THR A 204 16.61 -9.65 -14.74
N ASN A 205 16.57 -10.22 -13.53
CA ASN A 205 15.40 -10.90 -13.05
C ASN A 205 14.58 -9.93 -12.26
N PHE A 206 13.43 -9.57 -12.83
CA PHE A 206 12.60 -8.56 -12.23
C PHE A 206 11.87 -9.04 -11.00
N ASP A 207 11.45 -10.29 -10.93
CA ASP A 207 10.64 -10.65 -9.76
C ASP A 207 11.53 -10.59 -8.53
N VAL A 208 12.72 -11.18 -8.65
CA VAL A 208 13.64 -11.26 -7.53
C VAL A 208 14.11 -9.86 -7.10
N THR A 209 14.53 -9.05 -8.08
CA THR A 209 15.02 -7.70 -7.79
C THR A 209 13.90 -6.96 -7.08
N TYR A 210 12.72 -6.98 -7.68
CA TYR A 210 11.56 -6.38 -7.06
C TYR A 210 11.39 -6.83 -5.60
N ASN A 211 11.26 -8.13 -5.36
CA ASN A 211 11.12 -8.65 -4.00
C ASN A 211 12.25 -8.28 -3.04
N TRP A 212 13.49 -8.28 -3.48
CA TRP A 212 14.58 -7.88 -2.58
C TRP A 212 14.43 -6.43 -2.12
N ILE A 213 14.32 -5.52 -3.08
CA ILE A 213 14.15 -4.12 -2.75
C ILE A 213 12.91 -3.90 -1.87
N GLN A 214 11.85 -4.63 -2.14
CA GLN A 214 10.54 -4.46 -1.51
C GLN A 214 10.60 -4.86 -0.05
N ASP A 215 11.43 -5.85 0.20
CA ASP A 215 11.72 -6.33 1.53
C ASP A 215 12.48 -5.29 2.34
N LYS A 216 13.45 -4.63 1.72
CA LYS A 216 14.25 -3.61 2.40
C LYS A 216 13.44 -2.33 2.67
N CYS A 217 12.48 -2.00 1.80
CA CYS A 217 11.55 -0.85 1.91
C CYS A 217 10.38 -0.94 2.86
N VAL A 218 9.68 -2.05 2.78
CA VAL A 218 8.41 -2.19 3.44
C VAL A 218 8.71 -3.09 4.61
N PRO A 219 8.78 -2.49 5.80
CA PRO A 219 9.11 -3.15 7.04
C PRO A 219 7.97 -4.03 7.50
N LEU A 220 8.28 -5.02 8.32
CA LEU A 220 7.33 -5.99 8.80
C LEU A 220 6.12 -5.36 9.51
N VAL A 221 6.39 -4.34 10.32
CA VAL A 221 5.38 -3.55 11.02
C VAL A 221 5.34 -2.16 10.39
N ARG A 222 4.32 -1.88 9.58
CA ARG A 222 4.29 -0.60 8.86
C ARG A 222 3.60 0.52 9.60
N GLU A 223 3.99 1.73 9.27
CA GLU A 223 3.33 2.88 9.87
C GLU A 223 1.97 3.17 9.23
N ILE A 224 0.95 3.33 10.06
CA ILE A 224 -0.37 3.76 9.59
C ILE A 224 -0.51 5.27 9.77
N THR A 225 -0.85 5.95 8.68
CA THR A 225 -1.14 7.39 8.68
C THR A 225 -2.48 7.62 7.97
N PHE A 226 -3.06 8.81 8.05
CA PHE A 226 -4.22 9.11 7.21
C PHE A 226 -3.85 9.10 5.72
N GLU A 227 -2.65 9.55 5.40
CA GLU A 227 -2.17 9.49 4.02
C GLU A 227 -2.35 8.07 3.38
N ASN A 228 -1.91 7.03 4.09
CA ASN A 228 -2.03 5.65 3.63
C ASN A 228 -3.15 4.80 4.21
N GLY A 229 -3.81 5.27 5.25
CA GLY A 229 -4.86 4.47 5.90
C GLY A 229 -5.83 3.72 4.99
N GLU A 230 -6.34 4.44 4.00
CA GLU A 230 -7.34 3.83 3.14
C GLU A 230 -6.78 2.59 2.43
N GLU A 231 -5.60 2.70 1.84
CA GLU A 231 -5.00 1.54 1.20
C GLU A 231 -4.90 0.36 2.16
N LEU A 232 -4.47 0.64 3.39
CA LEU A 232 -4.22 -0.41 4.35
C LEU A 232 -5.50 -1.17 4.66
N THR A 233 -6.60 -0.45 4.88
CA THR A 233 -7.92 -1.06 5.03
C THR A 233 -8.26 -2.02 3.85
N GLU A 234 -7.93 -1.63 2.60
CA GLU A 234 -8.40 -2.41 1.46
C GLU A 234 -7.59 -3.66 1.27
N GLU A 235 -6.59 -3.87 2.12
CA GLU A 235 -5.86 -5.12 2.08
C GLU A 235 -6.67 -6.24 2.69
N GLY A 236 -7.77 -5.86 3.36
CA GLY A 236 -8.71 -6.84 3.83
C GLY A 236 -8.28 -7.65 5.03
N LEU A 237 -7.37 -7.14 5.84
CA LEU A 237 -6.93 -7.89 6.99
C LEU A 237 -7.27 -7.08 8.22
N PRO A 238 -7.60 -7.73 9.35
CA PRO A 238 -7.73 -6.93 10.57
C PRO A 238 -6.38 -6.37 10.93
N PHE A 239 -6.40 -5.31 11.75
CA PHE A 239 -5.18 -4.62 12.19
C PHE A 239 -4.78 -5.05 13.60
N LEU A 240 -3.48 -5.25 13.78
CA LEU A 240 -2.88 -5.34 15.08
C LEU A 240 -1.97 -4.13 15.13
N ILE A 241 -2.23 -3.24 16.09
CA ILE A 241 -1.60 -1.93 16.12
C ILE A 241 -0.93 -1.65 17.45
N LEU A 242 0.22 -1.02 17.36
CA LEU A 242 0.85 -0.40 18.52
C LEU A 242 0.65 1.11 18.37
N PHE A 243 0.00 1.70 19.38
CA PHE A 243 -0.14 3.14 19.49
C PHE A 243 0.99 3.59 20.37
N HIS A 244 1.72 4.62 19.96
CA HIS A 244 2.92 5.02 20.70
C HIS A 244 3.30 6.44 20.38
N MSE A 245 4.19 6.97 21.21
CA MSE A 245 4.36 8.39 21.41
C MSE A 245 5.46 9.02 20.54
O MSE A 245 6.28 9.86 21.01
CB MSE A 245 4.60 8.60 22.89
CG MSE A 245 4.42 10.01 23.42
SE MSE A 245 2.60 10.68 23.03
CE MSE A 245 2.72 12.23 24.32
N LYS A 246 5.48 8.61 19.27
CA LYS A 246 6.40 9.15 18.26
C LYS A 246 7.85 9.07 18.69
N GLU A 247 8.27 9.77 19.75
CA GLU A 247 9.64 9.59 20.25
C GLU A 247 9.87 8.24 20.92
N ASP A 248 8.90 7.75 21.67
CA ASP A 248 8.99 6.39 22.21
C ASP A 248 9.28 5.34 21.13
N THR A 249 10.54 4.93 21.06
CA THR A 249 10.94 3.92 20.07
C THR A 249 11.35 2.64 20.79
N GLU A 250 11.65 2.76 22.09
CA GLU A 250 11.79 1.58 22.92
C GLU A 250 10.57 0.68 22.63
N SER A 251 9.38 1.26 22.63
CA SER A 251 8.19 0.44 22.44
C SER A 251 8.03 -0.17 21.04
N LEU A 252 8.36 0.65 20.03
CA LEU A 252 8.26 0.18 18.66
C LEU A 252 9.18 -1.00 18.49
N GLU A 253 10.45 -0.83 18.85
CA GLU A 253 11.41 -1.92 18.66
C GLU A 253 10.94 -3.22 19.33
N ILE A 254 10.42 -3.15 20.56
CA ILE A 254 10.09 -4.41 21.23
C ILE A 254 8.85 -5.07 20.65
N PHE A 255 7.91 -4.27 20.17
CA PHE A 255 6.77 -4.76 19.39
C PHE A 255 7.31 -5.39 18.10
N GLN A 256 8.21 -4.66 17.46
CA GLN A 256 8.89 -5.03 16.23
C GLN A 256 9.33 -6.50 16.25
N ASN A 257 10.26 -6.86 17.15
CA ASN A 257 10.71 -8.24 17.16
C ASN A 257 9.82 -9.24 17.91
N GLU A 258 8.86 -8.78 18.71
CA GLU A 258 7.86 -9.70 19.26
C GLU A 258 6.92 -10.20 18.16
N VAL A 259 6.57 -9.29 17.25
CA VAL A 259 5.74 -9.64 16.12
C VAL A 259 6.52 -10.60 15.24
N ALA A 260 7.73 -10.20 14.89
CA ALA A 260 8.67 -11.03 14.16
C ALA A 260 8.88 -12.40 14.79
N ARG A 261 9.07 -12.43 16.10
CA ARG A 261 9.38 -13.70 16.77
C ARG A 261 8.16 -14.57 16.99
N GLN A 262 6.97 -13.96 17.03
CA GLN A 262 5.75 -14.65 17.42
C GLN A 262 4.63 -14.81 16.37
N LEU A 263 4.53 -13.86 15.45
CA LEU A 263 3.37 -13.84 14.54
C LEU A 263 3.65 -14.01 13.04
N ILE A 264 4.88 -14.30 12.67
CA ILE A 264 5.21 -14.43 11.25
C ILE A 264 4.30 -15.42 10.58
N SER A 265 4.08 -16.55 11.25
CA SER A 265 3.15 -17.58 10.80
CA SER A 265 3.15 -17.58 10.80
C SER A 265 1.76 -17.03 10.49
N GLU A 266 1.41 -15.90 11.11
CA GLU A 266 0.10 -15.27 10.92
C GLU A 266 0.14 -13.92 10.16
N LYS A 267 1.04 -13.73 9.20
CA LYS A 267 1.09 -12.41 8.56
C LYS A 267 0.07 -12.26 7.41
N GLY A 268 -0.40 -13.41 6.92
CA GLY A 268 -1.47 -13.45 5.94
C GLY A 268 -2.87 -13.43 6.53
N THR A 269 -2.98 -13.32 7.86
CA THR A 269 -4.28 -13.24 8.54
C THR A 269 -4.53 -11.88 9.20
N ILE A 270 -3.49 -11.06 9.32
CA ILE A 270 -3.56 -9.85 10.10
C ILE A 270 -2.49 -8.85 9.68
N ASN A 271 -2.78 -7.56 9.78
CA ASN A 271 -1.82 -6.52 9.41
C ASN A 271 -1.09 -5.97 10.62
N PHE A 272 0.24 -6.07 10.63
CA PHE A 272 0.99 -5.56 11.76
C PHE A 272 1.34 -4.11 11.53
N LEU A 273 0.83 -3.24 12.40
CA LEU A 273 0.94 -1.82 12.18
C LEU A 273 1.37 -1.04 13.41
N HIS A 274 1.91 0.14 13.19
CA HIS A 274 2.05 1.02 14.34
C HIS A 274 1.52 2.44 14.09
N ALA A 275 0.98 3.09 15.13
CA ALA A 275 0.47 4.47 14.98
C ALA A 275 0.93 5.43 16.08
N ASP A 276 1.02 6.70 15.72
CA ASP A 276 1.36 7.78 16.65
C ASP A 276 0.10 8.24 17.40
N CYS A 277 0.11 8.11 18.74
CA CYS A 277 -1.02 8.45 19.64
C CYS A 277 -1.75 9.77 19.42
N ASP A 278 -1.01 10.82 19.05
CA ASP A 278 -1.57 12.17 19.01
C ASP A 278 -2.41 12.39 17.79
N LYS A 279 -1.97 11.70 16.77
CA LYS A 279 -2.58 11.77 15.47
C LYS A 279 -3.79 10.83 15.49
N PHE A 280 -3.76 9.80 16.32
CA PHE A 280 -4.85 8.84 16.42
C PHE A 280 -5.53 8.76 17.79
N ARG A 281 -5.79 9.92 18.38
CA ARG A 281 -6.48 10.01 19.63
C ARG A 281 -7.90 9.48 19.45
N HIS A 282 -8.47 9.66 18.27
CA HIS A 282 -9.84 9.17 18.03
C HIS A 282 -9.95 7.64 18.12
N PRO A 283 -9.16 6.86 17.35
CA PRO A 283 -9.17 5.44 17.69
C PRO A 283 -9.01 5.10 19.15
N LEU A 284 -8.25 5.92 19.87
CA LEU A 284 -7.98 5.67 21.26
C LEU A 284 -9.18 5.97 22.14
N LEU A 285 -10.04 6.87 21.67
CA LEU A 285 -11.25 7.13 22.35
C LEU A 285 -12.09 5.87 22.35
N HIS A 286 -12.13 5.17 21.23
CA HIS A 286 -12.92 3.93 21.14
C HIS A 286 -12.60 2.90 22.22
N ILE A 287 -11.33 2.74 22.56
CA ILE A 287 -11.00 1.85 23.65
C ILE A 287 -10.76 2.53 24.98
N GLN A 288 -11.33 3.72 25.14
CA GLN A 288 -11.35 4.46 26.43
C GLN A 288 -9.94 4.80 26.90
N LYS A 289 -9.02 4.99 25.96
CA LYS A 289 -7.63 5.29 26.25
C LYS A 289 -7.26 6.71 25.79
N THR A 290 -6.17 7.24 26.33
CA THR A 290 -5.58 8.53 25.90
C THR A 290 -4.10 8.29 25.55
N PRO A 291 -3.41 9.27 24.93
CA PRO A 291 -2.01 9.08 24.70
C PRO A 291 -1.24 8.86 25.98
N ALA A 292 -1.76 9.35 27.11
CA ALA A 292 -1.18 9.06 28.41
C ALA A 292 -0.91 7.56 28.60
N ASP A 293 -1.86 6.72 28.19
CA ASP A 293 -1.81 5.28 28.42
C ASP A 293 -0.85 4.56 27.46
N CYS A 294 -0.33 5.32 26.51
CA CYS A 294 0.46 4.73 25.45
C CYS A 294 1.82 4.37 26.01
N PRO A 295 2.46 3.31 25.50
CA PRO A 295 2.07 2.49 24.36
C PRO A 295 0.92 1.56 24.68
N VAL A 296 0.03 1.39 23.71
CA VAL A 296 -1.12 0.52 23.83
C VAL A 296 -1.11 -0.36 22.61
N ILE A 297 -1.32 -1.66 22.80
CA ILE A 297 -1.52 -2.59 21.68
C ILE A 297 -3.00 -2.94 21.57
N ALA A 298 -3.61 -2.68 20.42
CA ALA A 298 -5.01 -3.08 20.17
C ALA A 298 -5.15 -3.82 18.85
N ILE A 299 -6.32 -4.47 18.67
CA ILE A 299 -6.73 -4.97 17.36
C ILE A 299 -7.93 -4.13 16.89
N ASP A 300 -8.03 -3.85 15.58
CA ASP A 300 -9.20 -3.21 15.05
C ASP A 300 -9.59 -4.17 13.94
N SER A 301 -10.72 -4.88 14.11
CA SER A 301 -11.10 -5.90 13.16
C SER A 301 -11.95 -5.36 12.04
N PHE A 302 -12.24 -4.07 12.06
CA PHE A 302 -13.25 -3.45 11.18
C PHE A 302 -14.69 -3.70 11.66
N ARG A 303 -14.88 -4.51 12.71
CA ARG A 303 -16.18 -4.50 13.37
C ARG A 303 -16.09 -4.02 14.82
N HIS A 304 -14.95 -4.23 15.47
CA HIS A 304 -14.79 -3.94 16.88
C HIS A 304 -13.34 -3.65 17.14
N MSE A 305 -13.04 -3.14 18.32
CA MSE A 305 -11.66 -2.91 18.71
C MSE A 305 -11.47 -3.69 19.98
O MSE A 305 -12.41 -3.75 20.78
CB MSE A 305 -11.40 -1.42 18.95
CG MSE A 305 -11.38 -0.62 17.69
SE MSE A 305 -10.60 1.18 18.14
CE MSE A 305 -8.68 0.87 17.92
N TYR A 306 -10.27 -4.21 20.16
CA TYR A 306 -9.93 -5.05 21.29
C TYR A 306 -8.58 -4.61 21.87
N VAL A 307 -8.49 -4.59 23.20
CA VAL A 307 -7.27 -4.24 23.90
C VAL A 307 -6.48 -5.42 24.41
N PHE A 308 -5.19 -5.35 24.11
CA PHE A 308 -4.26 -6.36 24.54
C PHE A 308 -4.15 -6.42 26.07
N GLY A 309 -3.90 -5.31 26.73
CA GLY A 309 -3.61 -5.38 28.17
C GLY A 309 -2.37 -4.59 28.52
N ASP A 310 -1.66 -4.95 29.58
CA ASP A 310 -0.38 -4.26 29.83
C ASP A 310 0.52 -4.40 28.61
N PHE A 311 1.21 -3.31 28.24
CA PHE A 311 2.19 -3.37 27.17
C PHE A 311 3.25 -4.41 27.50
N LYS A 312 3.98 -4.20 28.59
CA LYS A 312 5.04 -5.13 29.01
C LYS A 312 4.65 -6.63 28.99
N ASP A 313 3.35 -6.93 29.03
CA ASP A 313 2.83 -8.27 28.76
C ASP A 313 3.30 -8.78 27.39
N VAL A 314 3.75 -7.92 26.47
CA VAL A 314 4.22 -8.45 25.18
C VAL A 314 5.36 -9.45 25.29
N LEU A 315 6.16 -9.30 26.35
CA LEU A 315 7.29 -10.16 26.59
C LEU A 315 6.88 -11.57 27.05
N ILE A 316 5.69 -11.69 27.65
CA ILE A 316 5.18 -13.00 28.05
C ILE A 316 5.00 -13.90 26.81
N PRO A 317 5.69 -15.07 26.80
CA PRO A 317 5.87 -15.90 25.59
C PRO A 317 4.61 -16.14 24.75
N GLY A 318 3.56 -16.76 25.30
CA GLY A 318 2.37 -17.00 24.48
C GLY A 318 1.56 -15.79 23.98
N LYS A 319 1.54 -14.73 24.79
CA LYS A 319 0.51 -13.68 24.78
C LYS A 319 0.15 -13.07 23.44
N LEU A 320 1.09 -12.31 22.85
CA LEU A 320 0.81 -11.62 21.62
C LEU A 320 0.11 -12.55 20.64
N LYS A 321 0.65 -13.76 20.46
CA LYS A 321 0.12 -14.77 19.54
C LYS A 321 -1.31 -15.21 19.89
N GLN A 322 -1.51 -15.46 21.18
CA GLN A 322 -2.81 -15.83 21.70
C GLN A 322 -3.80 -14.71 21.43
N PHE A 323 -3.35 -13.47 21.58
CA PHE A 323 -4.17 -12.30 21.31
C PHE A 323 -4.69 -12.40 19.89
N VAL A 324 -3.78 -12.62 18.95
CA VAL A 324 -4.15 -12.80 17.56
C VAL A 324 -5.06 -14.01 17.33
N PHE A 325 -4.67 -15.15 17.89
CA PHE A 325 -5.48 -16.35 17.85
C PHE A 325 -6.93 -16.07 18.24
N ASP A 326 -7.09 -15.38 19.37
CA ASP A 326 -8.41 -15.16 19.92
C ASP A 326 -9.31 -14.31 19.05
N LEU A 327 -8.74 -13.35 18.31
CA LEU A 327 -9.52 -12.58 17.34
C LEU A 327 -10.19 -13.56 16.40
N HIS A 328 -9.39 -14.48 15.88
CA HIS A 328 -9.83 -15.41 14.83
C HIS A 328 -10.76 -16.49 15.34
N SER A 329 -10.55 -16.96 16.57
CA SER A 329 -11.48 -17.95 17.14
C SER A 329 -12.84 -17.39 17.54
N GLY A 330 -12.95 -16.06 17.63
CA GLY A 330 -14.18 -15.43 18.13
C GLY A 330 -14.18 -15.29 19.65
N LYS A 331 -13.08 -15.69 20.28
CA LYS A 331 -12.90 -15.72 21.73
C LYS A 331 -12.92 -14.33 22.34
N LEU A 332 -12.57 -13.33 21.55
CA LEU A 332 -12.44 -11.98 22.08
C LEU A 332 -13.81 -11.33 22.21
N HIS A 333 -14.83 -12.00 21.68
CA HIS A 333 -16.06 -11.30 21.39
C HIS A 333 -17.34 -11.33 22.27
N ARG A 334 -17.66 -12.17 23.27
CA ARG A 334 -16.99 -13.21 24.09
C ARG A 334 -16.16 -12.71 25.34
N GLU A 335 -16.81 -11.96 26.24
CA GLU A 335 -18.26 -11.61 26.14
C GLU A 335 -18.54 -10.18 25.63
N PHE A 336 -17.97 -9.16 26.26
CA PHE A 336 -17.06 -9.26 27.44
C PHE A 336 -17.52 -8.40 28.64
N SER A 356 -21.25 -5.61 27.14
CA SER A 356 -21.84 -6.83 26.61
C SER A 356 -21.62 -7.06 25.11
N SER A 357 -21.36 -5.98 24.38
CA SER A 357 -20.84 -6.08 23.03
C SER A 357 -19.60 -5.17 22.99
N PRO A 358 -18.50 -5.60 22.32
CA PRO A 358 -17.33 -4.72 22.23
C PRO A 358 -17.54 -3.40 21.45
N PRO A 359 -16.66 -2.42 21.69
CA PRO A 359 -16.67 -1.17 20.95
C PRO A 359 -16.44 -1.31 19.47
N GLU A 360 -16.93 -0.35 18.68
CA GLU A 360 -16.89 -0.36 17.24
C GLU A 360 -15.47 -0.12 16.77
N SER A 361 -15.21 -0.58 15.55
CA SER A 361 -14.02 -0.23 14.84
C SER A 361 -13.94 1.27 14.77
N SER A 362 -12.73 1.78 14.92
CA SER A 362 -12.44 3.14 14.58
C SER A 362 -11.88 3.16 13.16
N PHE A 363 -11.04 2.18 12.83
CA PHE A 363 -10.43 2.24 11.53
C PHE A 363 -11.30 1.98 10.31
N GLN A 364 -12.53 1.57 10.54
CA GLN A 364 -13.43 1.43 9.42
C GLN A 364 -13.69 2.77 8.76
N LYS A 365 -13.58 3.88 9.48
CA LYS A 365 -13.78 5.16 8.84
C LYS A 365 -12.65 5.51 7.87
N LEU A 366 -11.48 4.89 7.99
CA LEU A 366 -10.40 5.15 7.04
C LEU A 366 -10.60 4.44 5.69
N ALA A 367 -11.41 3.35 5.72
CA ALA A 367 -11.82 2.54 4.59
C ALA A 367 -12.54 3.41 3.57
N PRO A 368 -12.69 2.94 2.31
CA PRO A 368 -13.34 3.77 1.33
C PRO A 368 -14.76 4.15 1.73
N SER A 369 -15.09 5.41 1.52
CA SER A 369 -16.39 5.96 1.88
C SER A 369 -17.55 5.66 0.94
N GLU A 370 -18.72 5.45 1.52
CA GLU A 370 -19.94 5.34 0.74
C GLU A 370 -20.41 6.72 0.29
N TYR A 371 -19.73 7.77 0.75
CA TYR A 371 -19.96 9.11 0.22
C TYR A 371 -19.04 9.39 -0.95
N ARG A 372 -18.18 8.42 -1.31
CA ARG A 372 -17.30 8.59 -2.49
C ARG A 372 -17.33 7.45 -3.50
N TYR A 373 -17.92 6.33 -3.11
CA TYR A 373 -17.90 5.13 -3.90
C TYR A 373 -19.14 4.33 -3.63
N THR A 374 -19.63 3.63 -4.64
CA THR A 374 -20.49 2.46 -4.49
C THR A 374 -19.61 1.30 -4.04
N LEU A 375 -19.93 0.71 -2.90
CA LEU A 375 -19.07 -0.32 -2.32
C LEU A 375 -19.59 -1.72 -2.57
N LEU A 376 -18.70 -2.58 -3.02
CA LEU A 376 -19.08 -3.94 -3.41
C LEU A 376 -18.72 -4.84 -2.28
N ARG A 377 -19.50 -5.88 -2.09
CA ARG A 377 -19.24 -6.81 -1.01
C ARG A 377 -18.81 -8.12 -1.64
C1 SIN B . 2.99 -4.02 -6.19
O1 SIN B . 3.42 -5.08 -5.64
O2 SIN B . 2.24 -4.13 -7.20
C2 SIN B . 3.35 -2.63 -5.66
C3 SIN B . 2.51 -1.60 -6.47
C4 SIN B . 2.47 -0.22 -5.82
O3 SIN B . 1.73 0.67 -6.36
O4 SIN B . 3.17 0.05 -4.79
C FMT C . 9.10 11.13 -1.75
O1 FMT C . 8.51 10.23 -2.42
O2 FMT C . 8.70 12.33 -1.67
C FMT D . 4.29 -9.06 -3.90
O1 FMT D . 3.90 -7.88 -3.68
O2 FMT D . 5.50 -9.44 -3.91
#